data_5KRP
#
_entry.id   5KRP
#
_cell.length_a   67.500
_cell.length_b   93.680
_cell.length_c   97.740
_cell.angle_alpha   90.00
_cell.angle_beta   90.00
_cell.angle_gamma   90.00
#
_symmetry.space_group_name_H-M   'P 21 21 21'
#
loop_
_entity.id
_entity.type
_entity.pdbx_description
1 polymer Frutapin
2 non-polymer GLYCEROL
3 water water
#
_entity_poly.entity_id   1
_entity_poly.type   'polypeptide(L)'
_entity_poly.pdbx_seq_one_letter_code
;MASQTITVGPWGGPGGNEWDDGSYTGIRIIELSYKEAIGSFSVIYDLNGEPFSGSKHTSKLPYTNVKIELQFPEEFLVSV
SGYTAPFSSLATRTPVVRSLKFKTNKGRTFGPYGEEDGTYFNLPIENGLVVGFKGRTGDLLDAIGVHMAL
;
_entity_poly.pdbx_strand_id   A,B,C,D
#
loop_
_chem_comp.id
_chem_comp.type
_chem_comp.name
_chem_comp.formula
GOL non-polymer GLYCEROL 'C3 H8 O3'
#
# COMPACT_ATOMS: atom_id res chain seq x y z
N MET A 1 1.16 12.93 -8.26
CA MET A 1 0.76 12.14 -9.48
C MET A 1 1.56 10.83 -9.65
N ALA A 2 2.85 10.80 -9.25
CA ALA A 2 3.67 9.53 -9.18
C ALA A 2 3.43 8.72 -7.89
N SER A 3 4.01 7.50 -7.84
CA SER A 3 3.85 6.56 -6.75
C SER A 3 4.50 7.05 -5.41
N GLN A 4 3.84 6.78 -4.29
CA GLN A 4 4.16 7.36 -3.00
C GLN A 4 4.27 6.25 -1.92
N THR A 5 5.06 6.51 -0.91
CA THR A 5 5.11 5.65 0.25
C THR A 5 4.77 6.54 1.46
N ILE A 6 4.43 5.87 2.52
CA ILE A 6 4.31 6.48 3.86
C ILE A 6 5.65 7.06 4.24
N THR A 7 5.62 8.29 4.78
CA THR A 7 6.82 8.96 5.23
C THR A 7 6.58 9.50 6.66
N VAL A 8 7.42 9.05 7.58
CA VAL A 8 7.39 9.50 8.93
C VAL A 8 8.70 10.22 9.32
N GLY A 9 8.59 11.01 10.39
CA GLY A 9 9.62 12.01 10.68
C GLY A 9 9.41 13.19 9.74
N PRO A 10 10.44 14.02 9.53
CA PRO A 10 11.81 13.84 10.07
C PRO A 10 11.87 14.12 11.58
N TRP A 11 12.93 13.59 12.18
CA TRP A 11 13.38 13.92 13.56
C TRP A 11 14.66 14.73 13.41
N GLY A 12 14.69 15.89 14.07
CA GLY A 12 15.87 16.77 14.03
C GLY A 12 15.43 18.18 13.71
N GLY A 13 16.38 19.03 13.35
CA GLY A 13 16.04 20.46 13.17
C GLY A 13 15.78 20.81 11.73
N PRO A 14 15.51 22.09 11.47
CA PRO A 14 15.06 22.57 10.21
C PRO A 14 16.16 23.04 9.24
N GLY A 15 17.40 23.10 9.65
CA GLY A 15 18.41 23.68 8.80
C GLY A 15 19.02 22.71 7.82
N GLY A 16 19.90 23.22 6.99
CA GLY A 16 20.74 22.34 6.13
C GLY A 16 20.11 22.18 4.77
N ASN A 17 20.82 21.53 3.86
CA ASN A 17 20.30 21.24 2.54
C ASN A 17 19.30 20.09 2.55
N GLU A 18 18.09 20.32 2.03
CA GLU A 18 17.06 19.29 1.96
C GLU A 18 17.48 18.19 0.94
N TRP A 19 17.19 16.93 1.29
CA TRP A 19 17.40 15.81 0.36
C TRP A 19 16.38 14.75 0.62
N ASP A 20 16.13 13.97 -0.43
CA ASP A 20 15.18 12.87 -0.37
C ASP A 20 15.59 11.78 -1.32
N ASP A 21 16.08 10.61 -0.81
CA ASP A 21 16.53 9.54 -1.68
C ASP A 21 15.37 8.90 -2.44
N GLY A 22 14.15 9.11 -1.99
CA GLY A 22 12.99 8.43 -2.55
C GLY A 22 12.91 6.98 -2.05
N SER A 23 12.17 6.11 -2.79
CA SER A 23 11.81 4.81 -2.28
C SER A 23 12.30 3.72 -3.20
N TYR A 24 12.57 2.59 -2.61
CA TYR A 24 13.22 1.39 -3.25
C TYR A 24 12.53 0.12 -2.68
N THR A 25 13.20 -1.01 -2.78
CA THR A 25 12.61 -2.25 -2.26
C THR A 25 13.19 -2.76 -0.99
N GLY A 26 14.27 -2.12 -0.54
CA GLY A 26 14.89 -2.53 0.73
C GLY A 26 16.24 -1.81 0.92
N ILE A 27 16.91 -2.25 1.97
CA ILE A 27 18.20 -1.68 2.43
C ILE A 27 19.27 -2.80 2.46
N ARG A 28 20.38 -2.49 1.84
CA ARG A 28 21.57 -3.35 1.85
C ARG A 28 22.64 -2.83 2.80
N ILE A 29 23.03 -1.57 2.63
CA ILE A 29 24.14 -0.97 3.43
C ILE A 29 23.79 0.44 3.79
N ILE A 30 24.15 0.76 5.03
CA ILE A 30 24.09 2.16 5.52
C ILE A 30 25.51 2.61 5.90
N GLU A 31 25.94 3.76 5.34
CA GLU A 31 27.27 4.34 5.71
C GLU A 31 27.04 5.69 6.37
N LEU A 32 27.62 5.90 7.54
CA LEU A 32 27.50 7.16 8.17
C LEU A 32 28.82 7.56 8.78
N SER A 33 28.94 8.86 9.09
CA SER A 33 30.08 9.36 9.91
C SER A 33 29.56 10.00 11.18
N TYR A 34 30.37 9.95 12.24
CA TYR A 34 29.98 10.48 13.51
C TYR A 34 31.20 10.92 14.36
N LYS A 35 30.87 11.80 15.30
CA LYS A 35 31.74 12.06 16.48
C LYS A 35 30.84 12.66 17.58
N GLU A 36 30.75 13.98 17.68
CA GLU A 36 29.82 14.59 18.62
C GLU A 36 28.37 14.49 18.15
N ALA A 37 28.23 14.37 16.85
CA ALA A 37 26.88 14.28 16.24
C ALA A 37 27.03 13.33 15.05
N ILE A 38 25.93 13.12 14.29
CA ILE A 38 26.05 12.46 13.02
C ILE A 38 26.35 13.44 11.91
N GLY A 39 27.34 13.09 11.07
CA GLY A 39 27.77 13.82 9.92
C GLY A 39 27.17 13.26 8.61
N SER A 40 27.93 12.41 7.93
CA SER A 40 27.53 11.87 6.65
C SER A 40 26.45 10.78 6.83
N PHE A 41 25.68 10.58 5.80
CA PHE A 41 24.69 9.55 5.76
C PHE A 41 24.42 9.23 4.30
N SER A 42 24.65 7.99 3.94
CA SER A 42 24.32 7.52 2.58
CA SER A 42 24.28 7.50 2.59
C SER A 42 23.97 6.04 2.60
N VAL A 43 23.24 5.58 1.58
CA VAL A 43 22.68 4.22 1.63
C VAL A 43 22.86 3.53 0.27
N ILE A 44 23.20 2.26 0.32
CA ILE A 44 23.07 1.37 -0.84
CA ILE A 44 23.06 1.38 -0.82
C ILE A 44 21.74 0.63 -0.64
N TYR A 45 20.76 1.01 -1.45
CA TYR A 45 19.43 0.36 -1.41
C TYR A 45 19.43 -0.99 -2.17
N ASP A 46 18.40 -1.80 -1.93
CA ASP A 46 18.00 -2.84 -2.90
C ASP A 46 17.00 -2.26 -3.80
N LEU A 47 17.17 -2.46 -5.10
CA LEU A 47 16.12 -2.12 -6.07
C LEU A 47 15.88 -3.39 -6.89
N ASN A 48 14.75 -4.03 -6.61
CA ASN A 48 14.27 -5.20 -7.35
C ASN A 48 15.35 -6.24 -7.44
N GLY A 49 16.04 -6.43 -6.34
CA GLY A 49 17.08 -7.52 -6.25
C GLY A 49 18.52 -7.16 -6.60
N GLU A 50 18.76 -5.91 -7.04
CA GLU A 50 20.10 -5.45 -7.36
C GLU A 50 20.40 -4.21 -6.46
N PRO A 51 21.65 -4.08 -6.02
CA PRO A 51 22.02 -2.83 -5.37
C PRO A 51 21.82 -1.52 -6.20
N PHE A 52 21.45 -0.44 -5.50
CA PHE A 52 21.33 0.84 -6.13
C PHE A 52 21.92 1.89 -5.14
N SER A 53 23.03 2.55 -5.52
CA SER A 53 23.67 3.52 -4.59
C SER A 53 22.88 4.77 -4.55
N GLY A 54 22.42 5.15 -3.36
CA GLY A 54 21.78 6.48 -3.22
C GLY A 54 22.81 7.58 -3.29
N SER A 55 22.33 8.79 -3.48
CA SER A 55 23.18 9.95 -3.48
C SER A 55 23.88 10.03 -2.16
N LYS A 56 25.12 10.50 -2.18
CA LYS A 56 25.87 10.76 -0.95
C LYS A 56 25.38 12.04 -0.28
N HIS A 57 25.25 12.01 1.04
CA HIS A 57 24.95 13.22 1.85
C HIS A 57 26.10 13.35 2.86
N THR A 58 27.20 13.84 2.32
CA THR A 58 28.49 13.80 2.99
C THR A 58 28.64 15.07 3.82
N SER A 59 29.13 14.90 5.05
CA SER A 59 29.54 15.99 5.90
C SER A 59 31.03 16.33 5.59
N LYS A 60 31.33 17.61 5.46
CA LYS A 60 32.73 18.03 5.19
C LYS A 60 33.62 17.82 6.43
N LEU A 61 33.05 17.51 7.58
CA LEU A 61 33.85 17.36 8.81
C LEU A 61 34.57 16.03 8.88
N PRO A 62 35.81 16.02 9.39
CA PRO A 62 36.56 14.78 9.52
C PRO A 62 36.06 13.99 10.75
N TYR A 63 35.20 13.02 10.46
CA TYR A 63 34.55 12.25 11.50
C TYR A 63 34.98 10.79 11.33
N THR A 64 34.53 9.95 12.24
CA THR A 64 34.74 8.48 12.13
C THR A 64 33.70 7.84 11.17
N ASN A 65 34.13 7.03 10.24
CA ASN A 65 33.19 6.52 9.21
C ASN A 65 32.85 5.09 9.60
N VAL A 66 31.57 4.69 9.39
CA VAL A 66 31.17 3.33 9.68
C VAL A 66 30.25 2.78 8.58
N LYS A 67 30.38 1.48 8.31
CA LYS A 67 29.60 0.81 7.29
C LYS A 67 28.76 -0.28 7.97
N ILE A 68 27.44 -0.21 7.79
CA ILE A 68 26.50 -1.16 8.37
C ILE A 68 26.02 -2.05 7.22
N GLU A 69 26.40 -3.30 7.21
CA GLU A 69 26.10 -4.20 6.12
C GLU A 69 25.05 -5.22 6.60
N LEU A 70 23.80 -5.13 6.11
CA LEU A 70 22.74 -6.04 6.54
C LEU A 70 22.79 -7.29 5.65
N GLN A 71 22.42 -8.41 6.24
CA GLN A 71 22.32 -9.68 5.49
C GLN A 71 20.97 -9.70 4.68
N PHE A 72 20.89 -8.76 3.71
CA PHE A 72 19.71 -8.61 2.88
C PHE A 72 19.53 -9.87 1.99
N PRO A 73 18.33 -10.36 1.74
CA PRO A 73 17.04 -9.83 2.15
C PRO A 73 16.48 -10.34 3.43
N GLU A 74 17.11 -11.36 4.01
CA GLU A 74 16.54 -12.02 5.21
C GLU A 74 16.56 -11.10 6.47
N GLU A 75 17.58 -10.25 6.54
CA GLU A 75 17.76 -9.32 7.68
C GLU A 75 17.40 -7.91 7.24
N PHE A 76 16.57 -7.24 8.06
CA PHE A 76 16.13 -5.89 7.73
C PHE A 76 15.85 -5.15 9.05
N LEU A 77 15.76 -3.84 8.93
CA LEU A 77 15.56 -2.97 10.11
C LEU A 77 14.19 -3.15 10.72
N VAL A 78 14.13 -3.24 12.04
CA VAL A 78 12.89 -3.20 12.85
C VAL A 78 12.79 -1.96 13.74
N SER A 79 13.87 -1.18 13.87
CA SER A 79 13.90 -0.02 14.79
C SER A 79 14.91 0.96 14.29
N VAL A 80 14.52 2.22 14.23
CA VAL A 80 15.42 3.34 14.04
C VAL A 80 15.21 4.20 15.28
N SER A 81 16.29 4.54 15.99
CA SER A 81 16.18 5.45 17.16
C SER A 81 17.44 6.31 17.20
N GLY A 82 17.34 7.31 18.06
CA GLY A 82 18.49 8.19 18.36
C GLY A 82 18.15 9.40 19.20
N TYR A 83 18.99 10.41 19.09
CA TYR A 83 18.86 11.65 19.89
C TYR A 83 19.00 12.87 19.02
N THR A 84 18.20 13.90 19.27
CA THR A 84 18.33 15.18 18.59
C THR A 84 18.58 16.31 19.68
N ALA A 85 19.37 17.31 19.29
CA ALA A 85 19.70 18.45 20.18
C ALA A 85 20.47 19.51 19.46
N PRO A 86 20.44 20.76 19.96
CA PRO A 86 21.21 21.87 19.41
C PRO A 86 22.69 21.53 19.44
N PHE A 87 23.35 22.07 18.43
CA PHE A 87 24.75 21.89 18.31
C PHE A 87 25.31 23.28 18.57
N SER A 88 25.91 23.39 19.75
CA SER A 88 26.20 24.70 20.39
C SER A 88 27.20 25.53 19.61
N SER A 89 28.14 24.87 18.93
CA SER A 89 29.18 25.56 18.14
C SER A 89 28.73 26.18 16.80
N LEU A 90 27.46 26.02 16.39
CA LEU A 90 26.88 26.85 15.28
C LEU A 90 26.16 28.11 15.89
N ALA A 91 26.28 29.26 15.21
CA ALA A 91 25.60 30.54 15.61
C ALA A 91 24.09 30.38 15.86
N THR A 92 23.49 29.57 14.99
CA THR A 92 22.05 29.34 15.01
C THR A 92 21.62 28.39 16.11
N ARG A 93 22.57 27.74 16.78
CA ARG A 93 22.20 26.73 17.77
C ARG A 93 21.02 25.80 17.26
N THR A 94 21.08 25.38 16.03
CA THR A 94 19.94 24.64 15.46
C THR A 94 20.02 23.12 15.96
N PRO A 95 18.89 22.49 16.27
CA PRO A 95 18.92 21.03 16.56
C PRO A 95 19.40 20.21 15.35
N VAL A 96 20.24 19.23 15.66
CA VAL A 96 20.72 18.24 14.73
C VAL A 96 20.59 16.83 15.30
N VAL A 97 20.88 15.84 14.45
CA VAL A 97 20.86 14.45 14.89
C VAL A 97 22.19 14.14 15.54
N ARG A 98 22.14 13.93 16.85
CA ARG A 98 23.32 13.77 17.71
C ARG A 98 23.73 12.32 17.75
N SER A 99 22.76 11.42 17.63
CA SER A 99 23.04 9.98 17.68
C SER A 99 22.03 9.20 16.82
N LEU A 100 22.45 8.04 16.32
CA LEU A 100 21.57 7.05 15.67
C LEU A 100 21.90 5.63 16.20
N LYS A 101 20.87 4.80 16.23
CA LYS A 101 21.01 3.36 16.56
C LYS A 101 19.96 2.57 15.72
N PHE A 102 20.35 1.40 15.24
CA PHE A 102 19.53 0.58 14.30
C PHE A 102 19.46 -0.80 14.89
N LYS A 103 18.26 -1.35 14.92
CA LYS A 103 18.09 -2.77 15.33
C LYS A 103 17.50 -3.57 14.19
N THR A 104 17.88 -4.86 14.09
CA THR A 104 17.34 -5.74 13.04
C THR A 104 16.48 -6.91 13.54
N ASN A 105 15.66 -7.44 12.61
CA ASN A 105 14.82 -8.62 12.88
C ASN A 105 15.62 -9.87 13.34
N LYS A 106 16.89 -9.88 13.05
CA LYS A 106 17.80 -10.95 13.48
C LYS A 106 18.40 -10.69 14.85
N GLY A 107 17.95 -9.64 15.53
CA GLY A 107 18.47 -9.30 16.85
C GLY A 107 19.85 -8.64 16.88
N ARG A 108 20.34 -8.06 15.78
CA ARG A 108 21.62 -7.31 15.79
C ARG A 108 21.31 -5.83 16.05
N THR A 109 22.18 -5.19 16.82
CA THR A 109 22.15 -3.74 17.09
C THR A 109 23.35 -3.09 16.48
N PHE A 110 23.14 -2.01 15.74
CA PHE A 110 24.23 -1.27 15.20
C PHE A 110 24.14 0.13 15.82
N GLY A 111 25.15 0.48 16.62
CA GLY A 111 25.21 1.73 17.36
C GLY A 111 25.05 1.52 18.83
N PRO A 112 24.81 2.58 19.60
CA PRO A 112 24.67 4.01 19.15
C PRO A 112 25.95 4.59 18.52
N TYR A 113 25.77 5.43 17.50
CA TYR A 113 26.83 6.19 16.88
C TYR A 113 26.59 7.60 17.28
N GLY A 114 27.64 8.32 17.69
CA GLY A 114 27.46 9.70 18.06
C GLY A 114 27.33 9.86 19.56
N GLU A 115 26.71 10.94 20.00
CA GLU A 115 26.48 11.12 21.43
C GLU A 115 25.02 11.11 21.79
N GLU A 116 24.69 10.38 22.83
CA GLU A 116 23.29 10.29 23.33
C GLU A 116 22.92 11.47 24.21
N ASP A 117 22.76 12.62 23.58
N ASP A 117 22.81 12.64 23.60
CA ASP A 117 22.47 13.86 24.25
CA ASP A 117 22.41 13.85 24.31
C ASP A 117 21.25 14.47 23.60
C ASP A 117 21.23 14.44 23.62
N GLY A 118 20.29 14.89 24.42
CA GLY A 118 19.15 15.64 23.98
C GLY A 118 17.86 14.83 24.07
N THR A 119 17.04 14.95 23.04
CA THR A 119 15.73 14.35 22.98
C THR A 119 15.78 13.02 22.23
N TYR A 120 15.48 11.96 22.92
CA TYR A 120 15.40 10.60 22.32
C TYR A 120 14.24 10.47 21.37
N PHE A 121 14.46 9.84 20.22
CA PHE A 121 13.30 9.46 19.35
C PHE A 121 13.41 7.99 19.05
N ASN A 122 12.28 7.36 18.72
CA ASN A 122 12.31 5.91 18.41
C ASN A 122 11.09 5.54 17.57
N LEU A 123 11.41 4.86 16.48
CA LEU A 123 10.46 4.33 15.52
C LEU A 123 10.54 2.76 15.54
N PRO A 124 9.69 2.13 16.34
CA PRO A 124 9.62 0.65 16.40
C PRO A 124 8.66 0.21 15.32
N ILE A 125 9.15 -0.58 14.40
CA ILE A 125 8.35 -1.06 13.28
C ILE A 125 7.91 -2.46 13.54
N GLU A 126 6.58 -2.62 13.72
CA GLU A 126 6.08 -3.96 14.00
C GLU A 126 5.71 -4.73 12.73
N ASN A 127 5.25 -4.00 11.69
CA ASN A 127 4.96 -4.60 10.40
C ASN A 127 5.25 -3.56 9.32
N GLY A 128 5.87 -3.99 8.23
CA GLY A 128 6.35 -3.08 7.23
C GLY A 128 7.86 -3.06 7.20
N LEU A 129 8.32 -2.29 6.23
CA LEU A 129 9.78 -2.20 5.89
C LEU A 129 10.20 -0.78 5.61
N VAL A 130 11.46 -0.43 6.00
CA VAL A 130 12.03 0.81 5.60
C VAL A 130 12.50 0.61 4.17
N VAL A 131 12.04 1.52 3.32
CA VAL A 131 12.40 1.43 1.88
C VAL A 131 13.08 2.72 1.33
N GLY A 132 13.37 3.67 2.19
CA GLY A 132 13.99 4.90 1.72
C GLY A 132 14.22 5.84 2.89
N PHE A 133 15.18 6.76 2.71
CA PHE A 133 15.44 7.79 3.73
C PHE A 133 15.33 9.20 3.11
N LYS A 134 14.98 10.20 3.94
CA LYS A 134 15.08 11.60 3.53
C LYS A 134 15.69 12.35 4.70
N GLY A 135 16.09 13.59 4.44
CA GLY A 135 16.64 14.37 5.53
C GLY A 135 17.11 15.74 5.12
N ARG A 136 18.00 16.29 5.97
CA ARG A 136 18.64 17.56 5.71
C ARG A 136 20.05 17.51 6.25
N THR A 137 21.02 17.99 5.44
CA THR A 137 22.42 17.95 5.83
C THR A 137 23.11 19.28 5.47
N GLY A 138 23.81 19.82 6.41
CA GLY A 138 24.65 21.01 6.21
C GLY A 138 26.06 20.55 6.51
N ASP A 139 26.64 21.06 7.58
CA ASP A 139 27.88 20.51 8.09
C ASP A 139 27.60 19.16 8.75
N LEU A 140 26.37 18.94 9.27
CA LEU A 140 25.99 17.80 10.02
C LEU A 140 24.62 17.32 9.43
N LEU A 141 24.18 16.18 9.91
CA LEU A 141 22.84 15.67 9.60
C LEU A 141 21.88 16.42 10.50
N ASP A 142 21.27 17.47 9.97
CA ASP A 142 20.24 18.19 10.73
C ASP A 142 18.99 17.37 11.08
N ALA A 143 18.55 16.49 10.17
CA ALA A 143 17.29 15.77 10.43
C ALA A 143 17.25 14.55 9.52
N ILE A 144 16.53 13.54 9.97
CA ILE A 144 16.34 12.33 9.18
CA ILE A 144 16.38 12.22 9.28
C ILE A 144 14.92 11.79 9.32
N GLY A 145 14.41 11.32 8.15
CA GLY A 145 13.07 10.75 8.07
C GLY A 145 13.09 9.46 7.26
N VAL A 146 11.97 8.73 7.29
CA VAL A 146 11.96 7.37 6.73
CA VAL A 146 11.91 7.35 6.85
C VAL A 146 10.72 7.11 5.93
N HIS A 147 10.94 6.52 4.75
CA HIS A 147 9.87 6.02 3.90
C HIS A 147 9.61 4.56 4.23
N MET A 148 8.33 4.15 4.32
CA MET A 148 7.99 2.76 4.65
C MET A 148 7.04 2.15 3.62
N ALA A 149 7.14 0.85 3.45
CA ALA A 149 6.21 0.12 2.57
C ALA A 149 5.87 -1.27 3.12
N LEU A 150 4.78 -1.87 2.60
CA LEU A 150 4.06 -3.19 2.93
C LEU A 150 2.74 -3.27 3.79
N MET B 1 -3.03 -15.24 4.79
CA MET B 1 -3.61 -14.34 5.84
C MET B 1 -4.36 -13.17 5.22
N ALA B 2 -4.93 -12.32 6.05
CA ALA B 2 -5.85 -11.23 5.59
C ALA B 2 -5.10 -9.90 5.33
N SER B 3 -5.84 -8.82 5.00
CA SER B 3 -5.19 -7.61 4.54
C SER B 3 -4.38 -7.00 5.72
N GLN B 4 -3.23 -6.37 5.44
CA GLN B 4 -2.33 -5.85 6.54
C GLN B 4 -2.02 -4.37 6.29
N THR B 5 -1.47 -3.72 7.30
CA THR B 5 -1.06 -2.32 7.20
C THR B 5 0.31 -2.19 7.86
N ILE B 6 1.02 -1.18 7.48
CA ILE B 6 2.19 -0.71 8.25
C ILE B 6 1.78 -0.42 9.68
N THR B 7 2.52 -0.92 10.64
CA THR B 7 2.19 -0.80 12.05
C THR B 7 3.43 -0.37 12.80
N VAL B 8 3.31 0.69 13.59
CA VAL B 8 4.47 1.21 14.34
CA VAL B 8 4.45 1.33 14.33
C VAL B 8 4.05 1.41 15.80
N GLY B 9 5.03 1.25 16.67
CA GLY B 9 4.79 1.26 18.06
C GLY B 9 4.99 -0.13 18.58
N PRO B 10 4.34 -0.45 19.72
CA PRO B 10 3.72 0.59 20.56
C PRO B 10 4.74 1.37 21.40
N TRP B 11 4.28 2.51 21.87
CA TRP B 11 5.05 3.24 22.89
C TRP B 11 4.34 3.02 24.23
N GLY B 12 5.13 2.70 25.25
CA GLY B 12 4.57 2.39 26.55
C GLY B 12 5.12 1.11 27.10
N GLY B 13 4.44 0.54 28.08
CA GLY B 13 4.93 -0.70 28.80
C GLY B 13 4.08 -1.93 28.45
N PRO B 14 4.50 -3.10 28.97
CA PRO B 14 3.87 -4.40 28.62
C PRO B 14 2.77 -4.82 29.59
N GLY B 15 2.35 -3.93 30.48
CA GLY B 15 1.26 -4.17 31.37
C GLY B 15 -0.12 -4.10 30.71
N GLY B 16 -1.13 -4.44 31.50
CA GLY B 16 -2.50 -4.41 31.03
C GLY B 16 -2.83 -5.50 30.02
N ASN B 17 -4.01 -5.40 29.41
CA ASN B 17 -4.44 -6.32 28.37
C ASN B 17 -4.32 -5.75 26.99
N GLU B 18 -3.73 -6.52 26.07
CA GLU B 18 -3.54 -6.05 24.70
C GLU B 18 -4.83 -6.00 23.89
N TRP B 19 -4.89 -4.99 23.02
CA TRP B 19 -6.00 -4.83 22.09
C TRP B 19 -5.50 -4.21 20.79
N ASP B 20 -6.26 -4.51 19.74
CA ASP B 20 -5.98 -4.01 18.42
C ASP B 20 -7.28 -3.78 17.68
N ASP B 21 -7.54 -2.53 17.36
CA ASP B 21 -8.81 -2.20 16.70
C ASP B 21 -8.79 -2.63 15.22
N GLY B 22 -7.60 -2.86 14.67
CA GLY B 22 -7.45 -3.16 13.26
C GLY B 22 -7.48 -1.85 12.44
N SER B 23 -7.69 -2.00 11.13
CA SER B 23 -7.58 -0.86 10.20
CA SER B 23 -7.58 -0.86 10.22
C SER B 23 -8.91 -0.53 9.53
N TYR B 24 -9.04 0.75 9.14
CA TYR B 24 -10.20 1.36 8.60
C TYR B 24 -9.79 2.35 7.49
N THR B 25 -10.66 3.33 7.19
CA THR B 25 -10.48 4.35 6.17
C THR B 25 -9.99 5.70 6.70
N GLY B 26 -10.05 5.91 8.01
CA GLY B 26 -9.73 7.20 8.61
C GLY B 26 -10.18 7.30 10.02
N ILE B 27 -9.99 8.48 10.63
CA ILE B 27 -10.30 8.74 12.03
C ILE B 27 -11.32 9.85 12.06
N ARG B 28 -12.44 9.61 12.74
CA ARG B 28 -13.47 10.68 12.93
C ARG B 28 -13.43 11.30 14.32
N ILE B 29 -13.34 10.50 15.36
CA ILE B 29 -13.41 10.99 16.78
C ILE B 29 -12.44 10.20 17.66
N ILE B 30 -11.76 10.88 18.58
CA ILE B 30 -10.94 10.21 19.63
C ILE B 30 -11.59 10.57 20.97
N GLU B 31 -11.85 9.56 21.78
CA GLU B 31 -12.46 9.70 23.12
C GLU B 31 -11.45 9.18 24.14
N LEU B 32 -11.05 10.03 25.08
CA LEU B 32 -10.08 9.55 26.07
C LEU B 32 -10.45 10.12 27.43
N SER B 33 -9.85 9.57 28.48
CA SER B 33 -9.92 10.20 29.79
C SER B 33 -8.59 10.42 30.36
N TYR B 34 -8.45 11.39 31.25
CA TYR B 34 -7.13 11.65 31.82
C TYR B 34 -7.16 12.26 33.22
N LYS B 35 -6.01 12.14 33.88
CA LYS B 35 -5.68 12.91 35.16
C LYS B 35 -4.14 12.95 35.20
N GLU B 36 -3.47 12.06 35.94
CA GLU B 36 -2.03 12.04 36.02
C GLU B 36 -1.46 11.18 34.88
N ALA B 37 -2.35 10.39 34.22
CA ALA B 37 -2.03 9.51 33.11
C ALA B 37 -3.25 9.41 32.23
N ILE B 38 -3.15 8.69 31.11
CA ILE B 38 -4.30 8.41 30.28
C ILE B 38 -5.03 7.14 30.81
N GLY B 39 -6.33 7.28 31.00
CA GLY B 39 -7.22 6.21 31.41
C GLY B 39 -7.88 5.55 30.20
N SER B 40 -9.08 6.00 29.82
CA SER B 40 -9.81 5.47 28.73
C SER B 40 -9.23 5.92 27.39
N PHE B 41 -9.37 5.10 26.36
CA PHE B 41 -8.97 5.48 25.01
C PHE B 41 -9.87 4.69 24.06
N SER B 42 -10.71 5.33 23.29
CA SER B 42 -11.53 4.66 22.28
C SER B 42 -11.68 5.53 21.04
N VAL B 43 -11.95 4.94 19.88
CA VAL B 43 -11.95 5.73 18.62
C VAL B 43 -13.18 5.43 17.79
N ILE B 44 -13.70 6.47 17.16
CA ILE B 44 -14.68 6.35 16.14
C ILE B 44 -13.98 6.54 14.79
N TYR B 45 -13.98 5.46 14.02
CA TYR B 45 -13.29 5.43 12.76
C TYR B 45 -14.21 5.87 11.65
N ASP B 46 -13.61 6.24 10.51
CA ASP B 46 -14.33 6.20 9.23
C ASP B 46 -14.16 4.83 8.57
N LEU B 47 -15.27 4.29 8.07
CA LEU B 47 -15.26 3.11 7.26
C LEU B 47 -16.03 3.38 6.01
N ASN B 48 -15.28 3.65 4.96
CA ASN B 48 -15.93 3.85 3.63
C ASN B 48 -17.01 4.99 3.62
N GLY B 49 -16.80 6.06 4.38
CA GLY B 49 -17.68 7.26 4.38
C GLY B 49 -18.75 7.20 5.49
N GLU B 50 -18.79 6.11 6.28
CA GLU B 50 -19.66 6.03 7.45
C GLU B 50 -18.86 5.74 8.71
N PRO B 51 -19.32 6.24 9.87
CA PRO B 51 -18.65 5.91 11.14
C PRO B 51 -18.73 4.48 11.53
N PHE B 52 -17.69 4.01 12.20
CA PHE B 52 -17.65 2.70 12.78
C PHE B 52 -17.00 2.85 14.11
N SER B 53 -17.71 2.39 15.18
CA SER B 53 -17.19 2.51 16.51
C SER B 53 -16.24 1.43 16.81
N GLY B 54 -14.98 1.76 17.14
CA GLY B 54 -14.07 0.76 17.64
C GLY B 54 -14.50 0.22 19.02
N SER B 55 -14.03 -0.93 19.41
CA SER B 55 -14.24 -1.42 20.77
C SER B 55 -13.83 -0.35 21.79
N LYS B 56 -14.57 -0.26 22.89
CA LYS B 56 -14.25 0.63 23.96
C LYS B 56 -13.09 0.10 24.80
N HIS B 57 -12.15 0.98 25.12
CA HIS B 57 -11.03 0.57 26.02
C HIS B 57 -11.07 1.48 27.23
N THR B 58 -12.12 1.31 28.00
CA THR B 58 -12.41 2.30 29.06
CA THR B 58 -12.50 2.25 29.08
C THR B 58 -11.77 1.92 30.41
N SER B 59 -11.41 2.97 31.14
CA SER B 59 -10.90 2.87 32.48
C SER B 59 -12.06 3.21 33.43
N LYS B 60 -12.11 2.43 34.50
CA LYS B 60 -13.07 2.72 35.59
C LYS B 60 -12.71 3.94 36.43
N LEU B 61 -11.48 4.45 36.31
CA LEU B 61 -11.02 5.55 37.16
C LEU B 61 -11.81 6.85 36.88
N PRO B 62 -12.06 7.67 37.92
CA PRO B 62 -12.87 8.91 37.83
C PRO B 62 -12.05 10.07 37.25
N TYR B 63 -11.78 9.99 35.96
CA TYR B 63 -10.89 10.88 35.25
C TYR B 63 -11.75 11.89 34.42
N THR B 64 -11.08 12.88 33.82
CA THR B 64 -11.79 13.83 32.96
C THR B 64 -11.86 13.24 31.51
N ASN B 65 -13.07 13.24 30.97
CA ASN B 65 -13.34 12.77 29.63
C ASN B 65 -13.14 13.87 28.61
N VAL B 66 -12.61 13.50 27.45
CA VAL B 66 -12.38 14.39 26.34
C VAL B 66 -12.96 13.74 25.07
N LYS B 67 -13.60 14.53 24.22
CA LYS B 67 -14.11 14.04 22.94
C LYS B 67 -13.57 14.95 21.84
N ILE B 68 -12.62 14.43 21.05
CA ILE B 68 -11.97 15.18 19.96
C ILE B 68 -12.64 14.79 18.66
N GLU B 69 -13.41 15.73 18.08
CA GLU B 69 -14.13 15.50 16.84
C GLU B 69 -13.36 16.18 15.68
N LEU B 70 -12.75 15.36 14.83
CA LEU B 70 -11.98 15.94 13.71
C LEU B 70 -12.94 16.35 12.61
N GLN B 71 -12.57 17.36 11.86
CA GLN B 71 -13.37 17.76 10.65
C GLN B 71 -13.09 16.80 9.48
N PHE B 72 -13.54 15.56 9.62
CA PHE B 72 -13.32 14.47 8.66
C PHE B 72 -14.18 14.77 7.42
N PRO B 73 -13.70 14.59 6.17
CA PRO B 73 -12.39 13.99 5.84
C PRO B 73 -11.27 15.00 5.59
N GLU B 74 -11.57 16.29 5.57
CA GLU B 74 -10.56 17.30 5.20
C GLU B 74 -9.42 17.46 6.24
N GLU B 75 -9.78 17.16 7.52
CA GLU B 75 -8.85 17.28 8.65
C GLU B 75 -8.46 15.89 9.12
N PHE B 76 -7.14 15.67 9.29
CA PHE B 76 -6.66 14.37 9.71
C PHE B 76 -5.40 14.57 10.52
N LEU B 77 -4.98 13.54 11.27
CA LEU B 77 -3.80 13.67 12.10
C LEU B 77 -2.46 13.75 11.29
N VAL B 78 -1.52 14.60 11.72
CA VAL B 78 -0.15 14.68 11.19
C VAL B 78 0.90 14.41 12.22
N SER B 79 0.45 14.24 13.46
CA SER B 79 1.36 13.94 14.55
C SER B 79 0.61 13.26 15.67
N VAL B 80 1.21 12.18 16.20
CA VAL B 80 0.79 11.62 17.51
C VAL B 80 2.04 11.67 18.41
N SER B 81 1.92 12.20 19.60
CA SER B 81 3.10 12.26 20.54
C SER B 81 2.62 12.10 21.95
N GLY B 82 3.56 11.97 22.88
CA GLY B 82 3.16 11.89 24.28
C GLY B 82 4.33 11.56 25.14
N TYR B 83 4.01 11.07 26.34
CA TYR B 83 5.01 10.69 27.31
C TYR B 83 4.67 9.35 27.91
N THR B 84 5.70 8.58 28.18
CA THR B 84 5.56 7.33 28.95
C THR B 84 6.48 7.28 30.16
N ALA B 85 5.98 6.68 31.23
CA ALA B 85 6.72 6.51 32.46
C ALA B 85 5.93 5.62 33.41
N PRO B 86 6.58 5.12 34.46
CA PRO B 86 5.82 4.51 35.53
C PRO B 86 4.86 5.46 36.21
N PHE B 87 3.92 4.86 36.94
CA PHE B 87 2.90 5.59 37.67
C PHE B 87 2.94 5.07 39.12
N SER B 88 3.16 5.98 40.05
CA SER B 88 3.56 5.58 41.43
C SER B 88 2.58 4.67 42.14
N SER B 89 1.28 4.77 41.85
CA SER B 89 0.28 3.87 42.49
C SER B 89 0.02 2.55 41.75
N LEU B 90 1.05 1.91 41.22
CA LEU B 90 0.94 0.57 40.60
C LEU B 90 1.89 -0.28 41.41
N ALA B 91 1.74 -1.61 41.30
CA ALA B 91 2.59 -2.54 42.08
C ALA B 91 4.01 -2.71 41.48
N THR B 92 4.18 -2.34 40.21
CA THR B 92 5.46 -2.42 39.54
C THR B 92 5.71 -1.11 38.80
N ARG B 93 6.98 -0.89 38.47
CA ARG B 93 7.39 0.29 37.73
C ARG B 93 7.15 0.09 36.24
N THR B 94 6.13 -0.70 35.85
CA THR B 94 5.83 -0.89 34.41
C THR B 94 5.44 0.50 33.79
N PRO B 95 6.00 0.88 32.64
CA PRO B 95 5.63 2.23 32.08
C PRO B 95 4.23 2.28 31.51
N VAL B 96 3.52 3.39 31.66
CA VAL B 96 2.18 3.59 31.07
C VAL B 96 2.21 4.90 30.26
N VAL B 97 1.15 5.12 29.49
CA VAL B 97 1.04 6.39 28.72
C VAL B 97 0.61 7.50 29.66
N ARG B 98 1.57 8.32 30.07
CA ARG B 98 1.27 9.44 30.99
C ARG B 98 0.57 10.61 30.32
N SER B 99 0.90 10.84 29.08
CA SER B 99 0.34 11.96 28.29
C SER B 99 0.14 11.63 26.81
N LEU B 100 -0.89 12.22 26.17
CA LEU B 100 -1.01 12.23 24.74
C LEU B 100 -1.26 13.63 24.18
N LYS B 101 -0.89 13.80 22.94
CA LYS B 101 -1.08 15.07 22.14
C LYS B 101 -1.22 14.76 20.69
N PHE B 102 -2.19 15.38 20.04
CA PHE B 102 -2.46 15.09 18.63
C PHE B 102 -2.40 16.43 17.86
N LYS B 103 -1.82 16.41 16.66
CA LYS B 103 -1.86 17.64 15.81
C LYS B 103 -2.43 17.25 14.47
N THR B 104 -3.13 18.21 13.83
CA THR B 104 -3.80 17.97 12.55
C THR B 104 -3.23 18.84 11.41
N ASN B 105 -3.56 18.43 10.20
CA ASN B 105 -3.10 19.18 8.95
C ASN B 105 -3.71 20.56 8.88
N LYS B 106 -4.79 20.84 9.63
CA LYS B 106 -5.40 22.16 9.71
C LYS B 106 -4.75 23.04 10.78
N GLY B 107 -3.70 22.57 11.43
CA GLY B 107 -3.01 23.42 12.40
C GLY B 107 -3.56 23.36 13.83
N ARG B 108 -4.45 22.43 14.17
CA ARG B 108 -5.06 22.35 15.48
C ARG B 108 -4.22 21.40 16.33
N THR B 109 -3.96 21.77 17.57
CA THR B 109 -3.31 20.89 18.50
C THR B 109 -4.30 20.55 19.61
N PHE B 110 -4.42 19.25 19.94
CA PHE B 110 -5.34 18.76 21.00
C PHE B 110 -4.46 18.14 22.03
N GLY B 111 -4.48 18.71 23.23
CA GLY B 111 -3.55 18.27 24.31
C GLY B 111 -2.58 19.34 24.78
N PRO B 112 -1.66 19.00 25.69
CA PRO B 112 -1.47 17.64 26.18
C PRO B 112 -2.62 17.26 27.10
N TYR B 113 -2.95 15.98 27.10
CA TYR B 113 -3.84 15.38 28.11
C TYR B 113 -3.01 14.49 29.05
N GLY B 114 -3.19 14.60 30.38
CA GLY B 114 -2.38 13.82 31.31
C GLY B 114 -1.24 14.70 31.83
N GLU B 115 -0.09 14.10 32.08
CA GLU B 115 1.04 14.76 32.67
C GLU B 115 2.27 14.44 31.85
N GLU B 116 2.99 15.47 31.39
CA GLU B 116 4.16 15.33 30.54
C GLU B 116 5.45 14.94 31.33
N ASP B 117 5.40 13.74 31.93
CA ASP B 117 6.44 13.14 32.77
C ASP B 117 6.97 11.91 32.09
N GLY B 118 8.27 11.83 32.00
CA GLY B 118 8.90 10.60 31.60
C GLY B 118 9.55 10.81 30.27
N THR B 119 9.46 9.77 29.42
CA THR B 119 10.09 9.73 28.14
C THR B 119 9.12 10.17 27.02
N TYR B 120 9.49 11.20 26.29
CA TYR B 120 8.71 11.71 25.16
C TYR B 120 8.80 10.79 23.99
N PHE B 121 7.66 10.62 23.30
CA PHE B 121 7.65 9.92 22.03
C PHE B 121 6.89 10.80 21.05
N ASN B 122 7.26 10.64 19.79
CA ASN B 122 6.81 11.54 18.75
C ASN B 122 6.84 10.84 17.42
N LEU B 123 5.67 10.78 16.84
CA LEU B 123 5.47 10.29 15.45
C LEU B 123 4.92 11.39 14.50
N PRO B 124 5.82 12.12 13.83
CA PRO B 124 5.40 13.09 12.81
C PRO B 124 5.09 12.31 11.57
N ILE B 125 4.00 12.66 10.93
CA ILE B 125 3.61 12.00 9.68
C ILE B 125 3.70 13.00 8.53
N GLU B 126 4.69 12.79 7.66
CA GLU B 126 4.81 13.70 6.53
C GLU B 126 3.95 13.32 5.36
N ASN B 127 3.75 12.03 5.13
CA ASN B 127 2.84 11.53 4.07
C ASN B 127 2.21 10.26 4.57
N GLY B 128 0.86 10.18 4.44
CA GLY B 128 0.10 9.00 4.89
C GLY B 128 -0.96 9.34 5.91
N LEU B 129 -1.69 8.33 6.33
CA LEU B 129 -2.80 8.47 7.26
C LEU B 129 -2.70 7.45 8.38
N VAL B 130 -3.07 7.88 9.57
CA VAL B 130 -3.42 6.91 10.62
C VAL B 130 -4.80 6.31 10.28
N VAL B 131 -4.88 5.00 10.22
CA VAL B 131 -6.06 4.28 9.90
C VAL B 131 -6.52 3.25 10.98
N GLY B 132 -5.81 3.21 12.09
CA GLY B 132 -6.21 2.33 13.19
C GLY B 132 -5.28 2.51 14.36
N PHE B 133 -5.78 2.19 15.55
CA PHE B 133 -4.96 2.20 16.78
C PHE B 133 -4.93 0.78 17.34
N LYS B 134 -3.86 0.53 18.07
CA LYS B 134 -3.71 -0.69 18.92
C LYS B 134 -3.09 -0.21 20.22
N GLY B 135 -3.20 -1.04 21.26
CA GLY B 135 -2.67 -0.57 22.52
C GLY B 135 -2.79 -1.64 23.59
N ARG B 136 -2.68 -1.19 24.85
CA ARG B 136 -2.79 -2.08 26.02
C ARG B 136 -3.47 -1.30 27.12
N THR B 137 -4.49 -1.88 27.74
CA THR B 137 -5.23 -1.22 28.77
C THR B 137 -5.45 -2.13 29.96
N GLY B 138 -5.20 -1.60 31.14
CA GLY B 138 -5.51 -2.23 32.43
C GLY B 138 -6.48 -1.28 33.10
N ASP B 139 -6.09 -0.66 34.23
CA ASP B 139 -6.79 0.58 34.66
C ASP B 139 -6.41 1.88 33.94
N LEU B 140 -5.26 1.85 33.27
CA LEU B 140 -4.75 2.97 32.52
C LEU B 140 -4.42 2.48 31.09
N LEU B 141 -4.07 3.42 30.20
CA LEU B 141 -3.53 3.05 28.92
C LEU B 141 -2.06 2.74 29.05
N ASP B 142 -1.67 1.45 29.08
CA ASP B 142 -0.30 1.07 29.27
C ASP B 142 0.58 1.40 28.05
N ALA B 143 -0.02 1.29 26.87
CA ALA B 143 0.72 1.45 25.62
C ALA B 143 -0.20 1.81 24.46
N ILE B 144 0.37 2.44 23.45
CA ILE B 144 -0.38 2.90 22.25
C ILE B 144 0.49 2.73 21.00
N GLY B 145 -0.14 2.26 19.90
CA GLY B 145 0.51 2.14 18.61
C GLY B 145 -0.53 2.49 17.50
N VAL B 146 -0.01 2.55 16.27
CA VAL B 146 -0.78 3.01 15.11
C VAL B 146 -0.61 2.16 13.89
N HIS B 147 -1.72 2.02 13.18
CA HIS B 147 -1.70 1.47 11.84
C HIS B 147 -1.77 2.62 10.85
N MET B 148 -0.96 2.53 9.77
CA MET B 148 -0.86 3.57 8.72
C MET B 148 -1.09 3.08 7.29
N ALA B 149 -1.74 3.92 6.48
CA ALA B 149 -1.93 3.58 5.07
C ALA B 149 -1.78 4.89 4.25
N LEU B 150 -1.69 4.74 2.93
CA LEU B 150 -1.78 5.94 2.05
C LEU B 150 -3.23 6.30 1.75
N MET C 1 10.65 -11.44 1.31
CA MET C 1 11.24 -10.71 2.48
C MET C 1 11.52 -9.23 2.20
N ALA C 2 11.68 -8.84 0.92
CA ALA C 2 11.85 -7.40 0.53
C ALA C 2 10.48 -6.79 0.11
N SER C 3 10.43 -5.53 -0.39
CA SER C 3 9.15 -4.81 -0.51
C SER C 3 8.35 -5.47 -1.65
N GLN C 4 7.02 -5.38 -1.68
CA GLN C 4 6.15 -6.07 -2.68
C GLN C 4 5.03 -5.13 -3.14
N THR C 5 4.44 -5.45 -4.30
CA THR C 5 3.34 -4.68 -4.87
C THR C 5 2.26 -5.67 -5.30
N ILE C 6 1.05 -5.14 -5.41
CA ILE C 6 -0.04 -5.90 -6.01
C ILE C 6 0.34 -6.25 -7.43
N THR C 7 0.14 -7.51 -7.83
CA THR C 7 0.53 -7.95 -9.13
C THR C 7 -0.68 -8.76 -9.73
N VAL C 8 -1.06 -8.37 -10.94
CA VAL C 8 -2.11 -9.03 -11.67
C VAL C 8 -1.63 -9.54 -13.03
N GLY C 9 -2.37 -10.47 -13.59
CA GLY C 9 -1.85 -11.24 -14.70
C GLY C 9 -1.16 -12.48 -14.21
N PRO C 10 -0.38 -13.13 -15.07
CA PRO C 10 -0.18 -12.72 -16.46
C PRO C 10 -1.34 -13.10 -17.33
N TRP C 11 -1.45 -12.41 -18.43
CA TRP C 11 -2.25 -12.83 -19.58
C TRP C 11 -1.34 -13.31 -20.69
N GLY C 12 -1.66 -14.51 -21.20
CA GLY C 12 -0.84 -15.18 -22.21
C GLY C 12 -0.59 -16.60 -21.81
N GLY C 13 0.50 -17.18 -22.31
CA GLY C 13 0.75 -18.61 -22.13
C GLY C 13 1.96 -18.85 -21.31
N PRO C 14 2.31 -20.13 -21.08
CA PRO C 14 3.37 -20.57 -20.17
C PRO C 14 4.73 -20.79 -20.88
N GLY C 15 4.80 -20.45 -22.17
CA GLY C 15 6.06 -20.57 -22.89
C GLY C 15 7.01 -19.41 -22.65
N GLY C 16 8.19 -19.46 -23.29
CA GLY C 16 9.24 -18.51 -23.03
C GLY C 16 9.79 -18.65 -21.63
N ASN C 17 10.58 -17.66 -21.26
CA ASN C 17 11.19 -17.57 -19.94
C ASN C 17 10.62 -16.36 -19.20
N GLU C 18 10.25 -16.55 -17.93
CA GLU C 18 9.72 -15.43 -17.13
C GLU C 18 10.81 -14.35 -16.92
N TRP C 19 10.37 -13.10 -16.91
CA TRP C 19 11.15 -11.97 -16.52
C TRP C 19 10.28 -11.10 -15.67
N ASP C 20 10.91 -10.32 -14.83
CA ASP C 20 10.14 -9.41 -13.95
C ASP C 20 10.99 -8.16 -13.78
N ASP C 21 10.53 -7.00 -14.26
CA ASP C 21 11.29 -5.75 -14.09
C ASP C 21 11.23 -5.29 -12.64
N GLY C 22 10.28 -5.80 -11.85
CA GLY C 22 10.06 -5.23 -10.51
C GLY C 22 9.28 -3.95 -10.53
N SER C 23 9.34 -3.20 -9.45
N SER C 23 9.34 -3.20 -9.45
CA SER C 23 8.53 -2.00 -9.25
CA SER C 23 8.50 -2.00 -9.27
C SER C 23 9.35 -0.71 -9.10
C SER C 23 9.31 -0.72 -9.06
N TYR C 24 8.73 0.40 -9.50
CA TYR C 24 9.34 1.71 -9.56
C TYR C 24 8.31 2.77 -9.14
N THR C 25 8.48 4.03 -9.54
CA THR C 25 7.55 5.05 -9.15
C THR C 25 6.64 5.48 -10.25
N GLY C 26 6.84 5.02 -11.47
CA GLY C 26 5.90 5.28 -12.58
C GLY C 26 6.50 4.85 -13.91
N ILE C 27 5.88 5.27 -15.01
CA ILE C 27 6.20 4.86 -16.35
C ILE C 27 6.45 6.13 -17.16
N ARG C 28 7.60 6.16 -17.82
CA ARG C 28 7.92 7.23 -18.79
C ARG C 28 7.74 6.85 -20.25
N ILE C 29 8.34 5.73 -20.65
CA ILE C 29 8.33 5.27 -22.04
C ILE C 29 8.12 3.76 -22.11
N ILE C 30 7.25 3.35 -23.02
CA ILE C 30 7.11 1.91 -23.34
C ILE C 30 7.64 1.69 -24.76
N GLU C 31 8.45 0.67 -24.96
CA GLU C 31 8.93 0.29 -26.28
C GLU C 31 8.48 -1.14 -26.55
N LEU C 32 8.05 -1.42 -27.77
CA LEU C 32 7.73 -2.78 -28.15
C LEU C 32 7.97 -2.98 -29.65
N SER C 33 8.02 -4.23 -30.09
CA SER C 33 7.98 -4.56 -31.51
C SER C 33 6.72 -5.39 -31.84
N TYR C 34 6.23 -5.35 -33.07
CA TYR C 34 5.03 -6.12 -33.45
C TYR C 34 5.00 -6.45 -34.94
N LYS C 35 4.28 -7.51 -35.24
CA LYS C 35 3.85 -7.82 -36.63
C LYS C 35 2.53 -8.55 -36.45
N GLU C 36 2.54 -9.89 -36.54
CA GLU C 36 1.34 -10.64 -36.29
C GLU C 36 1.15 -10.90 -34.80
N ALA C 37 2.22 -10.72 -34.05
CA ALA C 37 2.18 -10.85 -32.59
C ALA C 37 3.09 -9.74 -31.99
N ILE C 38 3.19 -9.70 -30.66
CA ILE C 38 4.12 -8.82 -30.01
C ILE C 38 5.44 -9.51 -29.86
N GLY C 39 6.50 -8.81 -30.23
CA GLY C 39 7.84 -9.37 -30.11
C GLY C 39 8.61 -8.87 -28.94
N SER C 40 9.32 -7.75 -29.13
CA SER C 40 10.10 -7.11 -28.05
C SER C 40 9.21 -6.27 -27.09
N PHE C 41 9.67 -6.10 -25.85
CA PHE C 41 8.96 -5.27 -24.85
C PHE C 41 9.98 -4.77 -23.88
N SER C 42 10.05 -3.46 -23.67
N SER C 42 10.02 -3.46 -23.66
CA SER C 42 10.97 -2.88 -22.72
CA SER C 42 10.96 -2.87 -22.73
C SER C 42 10.40 -1.56 -22.26
C SER C 42 10.39 -1.57 -22.25
N VAL C 43 10.80 -1.16 -21.05
CA VAL C 43 10.26 0.06 -20.47
C VAL C 43 11.35 0.93 -19.87
N ILE C 44 11.16 2.24 -20.03
CA ILE C 44 11.86 3.24 -19.20
C ILE C 44 10.92 3.70 -18.07
N TYR C 45 11.27 3.34 -16.85
CA TYR C 45 10.51 3.70 -15.66
C TYR C 45 10.88 5.10 -15.18
N ASP C 46 10.03 5.70 -14.39
CA ASP C 46 10.44 6.75 -13.42
C ASP C 46 10.86 6.06 -12.11
N LEU C 47 12.05 6.45 -11.63
CA LEU C 47 12.51 6.06 -10.31
C LEU C 47 12.82 7.33 -9.47
N ASN C 48 11.84 7.74 -8.64
CA ASN C 48 12.04 8.91 -7.73
C ASN C 48 12.42 10.16 -8.50
N GLY C 49 11.84 10.32 -9.68
CA GLY C 49 11.93 11.54 -10.46
C GLY C 49 13.01 11.51 -11.53
N GLU C 50 13.72 10.42 -11.70
CA GLU C 50 14.70 10.29 -12.78
C GLU C 50 14.33 9.04 -13.57
N PRO C 51 14.67 9.04 -14.87
CA PRO C 51 14.51 7.78 -15.67
C PRO C 51 15.37 6.61 -15.19
N PHE C 52 14.84 5.39 -15.32
CA PHE C 52 15.55 4.18 -15.02
C PHE C 52 15.15 3.20 -16.15
N SER C 53 16.12 2.77 -16.95
CA SER C 53 15.81 1.80 -18.03
C SER C 53 15.71 0.38 -17.51
N GLY C 54 14.55 -0.28 -17.70
CA GLY C 54 14.41 -1.71 -17.46
C GLY C 54 15.28 -2.53 -18.38
N SER C 55 15.51 -3.79 -18.02
CA SER C 55 16.20 -4.65 -18.96
C SER C 55 15.38 -4.82 -20.22
N LYS C 56 16.10 -5.06 -21.33
CA LYS C 56 15.44 -5.21 -22.60
C LYS C 56 14.94 -6.64 -22.76
N HIS C 57 13.70 -6.81 -23.21
CA HIS C 57 13.19 -8.20 -23.44
C HIS C 57 12.95 -8.29 -24.94
N THR C 58 14.06 -8.45 -25.64
CA THR C 58 14.09 -8.33 -27.09
C THR C 58 13.76 -9.59 -27.86
N SER C 59 12.96 -9.44 -28.88
CA SER C 59 12.73 -10.44 -29.91
C SER C 59 13.66 -10.17 -31.07
N LYS C 60 14.27 -11.24 -31.57
CA LYS C 60 15.04 -11.15 -32.84
C LYS C 60 14.19 -11.18 -34.09
N LEU C 61 12.86 -11.18 -33.99
CA LEU C 61 12.08 -11.20 -35.20
C LEU C 61 12.02 -9.81 -35.90
N PRO C 62 11.84 -9.79 -37.23
CA PRO C 62 11.87 -8.57 -38.11
C PRO C 62 10.59 -7.80 -38.06
N TYR C 63 10.40 -7.17 -36.90
CA TYR C 63 9.11 -6.53 -36.56
C TYR C 63 9.27 -5.03 -36.60
N THR C 64 8.17 -4.31 -36.41
CA THR C 64 8.17 -2.88 -36.36
C THR C 64 8.35 -2.44 -34.91
N ASN C 65 9.28 -1.53 -34.66
CA ASN C 65 9.57 -1.02 -33.30
C ASN C 65 8.80 0.27 -33.08
N VAL C 66 8.14 0.35 -31.92
CA VAL C 66 7.40 1.53 -31.53
C VAL C 66 7.85 2.05 -30.17
N LYS C 67 7.58 3.35 -29.96
CA LYS C 67 7.91 4.06 -28.74
C LYS C 67 6.72 4.88 -28.32
N ILE C 68 6.28 4.66 -27.09
CA ILE C 68 5.16 5.34 -26.50
C ILE C 68 5.75 6.25 -25.46
N GLU C 69 5.66 7.56 -25.66
CA GLU C 69 6.24 8.50 -24.68
C GLU C 69 5.17 9.20 -23.91
N LEU C 70 5.03 8.87 -22.63
CA LEU C 70 3.98 9.48 -21.84
C LEU C 70 4.45 10.82 -21.30
N GLN C 71 3.52 11.76 -21.14
CA GLN C 71 3.87 13.06 -20.51
C GLN C 71 3.90 12.92 -18.99
N PHE C 72 4.91 12.18 -18.52
CA PHE C 72 5.12 11.93 -17.11
C PHE C 72 5.46 13.24 -16.38
N PRO C 73 4.92 13.51 -15.19
CA PRO C 73 4.06 12.64 -14.34
C PRO C 73 2.58 12.86 -14.48
N GLU C 74 2.16 13.87 -15.25
CA GLU C 74 0.73 14.24 -15.28
C GLU C 74 -0.06 13.23 -16.09
N GLU C 75 0.61 12.55 -17.05
CA GLU C 75 -0.03 11.54 -17.88
C GLU C 75 0.45 10.17 -17.46
N PHE C 76 -0.53 9.30 -17.24
CA PHE C 76 -0.30 7.91 -16.88
C PHE C 76 -1.37 6.94 -17.45
N LEU C 77 -1.05 5.65 -17.49
CA LEU C 77 -1.92 4.61 -17.99
C LEU C 77 -3.13 4.44 -17.13
N VAL C 78 -4.28 4.42 -17.75
CA VAL C 78 -5.52 4.01 -17.10
C VAL C 78 -6.13 2.67 -17.66
N SER C 79 -5.51 2.08 -18.70
CA SER C 79 -5.99 0.84 -19.31
C SER C 79 -4.81 0.14 -19.98
N VAL C 80 -4.70 -1.17 -19.71
CA VAL C 80 -3.88 -2.07 -20.49
C VAL C 80 -4.80 -3.16 -21.06
N SER C 81 -4.77 -3.36 -22.37
CA SER C 81 -5.63 -4.42 -22.98
C SER C 81 -4.89 -5.09 -24.15
N GLY C 82 -5.50 -6.12 -24.66
CA GLY C 82 -4.88 -6.88 -25.75
C GLY C 82 -5.53 -8.16 -26.07
N TYR C 83 -4.81 -8.98 -26.85
CA TYR C 83 -5.33 -10.29 -27.23
C TYR C 83 -4.26 -11.30 -27.08
N THR C 84 -4.64 -12.49 -26.66
CA THR C 84 -3.77 -13.66 -26.61
C THR C 84 -4.33 -14.82 -27.39
N ALA C 85 -3.43 -15.62 -27.96
CA ALA C 85 -3.82 -16.75 -28.83
C ALA C 85 -2.62 -17.49 -29.28
N PRO C 86 -2.82 -18.77 -29.69
CA PRO C 86 -1.76 -19.49 -30.38
C PRO C 86 -1.37 -18.66 -31.65
N PHE C 87 -0.17 -18.88 -32.13
CA PHE C 87 0.31 -18.26 -33.35
C PHE C 87 0.87 -19.36 -34.25
N SER C 88 0.37 -19.45 -35.50
CA SER C 88 0.67 -20.66 -36.32
C SER C 88 2.10 -20.71 -36.81
N SER C 89 2.85 -19.60 -36.73
CA SER C 89 4.28 -19.67 -37.04
C SER C 89 5.17 -20.39 -36.06
N LEU C 90 4.68 -20.62 -34.83
CA LEU C 90 5.49 -21.22 -33.77
C LEU C 90 5.39 -22.75 -33.94
N ALA C 91 6.34 -23.46 -33.34
CA ALA C 91 6.38 -24.93 -33.40
C ALA C 91 5.24 -25.64 -32.56
N THR C 92 4.61 -24.89 -31.66
CA THR C 92 3.51 -25.40 -30.83
C THR C 92 2.36 -24.44 -30.80
N ARG C 93 1.26 -24.85 -30.16
CA ARG C 93 0.05 -24.04 -30.03
CA ARG C 93 0.08 -24.02 -30.05
C ARG C 93 0.03 -23.25 -28.72
N THR C 94 1.18 -23.03 -28.13
CA THR C 94 1.21 -22.26 -26.88
C THR C 94 0.62 -20.83 -27.09
N PRO C 95 -0.31 -20.36 -26.23
CA PRO C 95 -0.77 -18.99 -26.48
C PRO C 95 0.28 -17.90 -26.20
N VAL C 96 0.31 -16.85 -27.04
CA VAL C 96 1.26 -15.70 -26.92
C VAL C 96 0.44 -14.39 -27.01
N VAL C 97 1.10 -13.27 -26.71
CA VAL C 97 0.49 -11.98 -26.77
C VAL C 97 0.49 -11.59 -28.26
N ARG C 98 -0.73 -11.56 -28.82
CA ARG C 98 -0.95 -11.21 -30.17
C ARG C 98 -1.06 -9.70 -30.42
N SER C 99 -1.62 -8.97 -29.46
CA SER C 99 -1.89 -7.53 -29.58
C SER C 99 -1.81 -6.87 -28.22
N LEU C 100 -1.42 -5.59 -28.18
CA LEU C 100 -1.43 -4.77 -27.00
C LEU C 100 -2.03 -3.38 -27.36
N LYS C 101 -2.68 -2.75 -26.37
CA LYS C 101 -3.20 -1.42 -26.52
C LYS C 101 -3.18 -0.75 -25.16
N PHE C 102 -2.84 0.53 -25.10
CA PHE C 102 -2.72 1.32 -23.85
C PHE C 102 -3.60 2.59 -23.98
N LYS C 103 -4.28 3.00 -22.91
CA LYS C 103 -4.99 4.31 -22.88
C LYS C 103 -4.54 5.10 -21.67
N THR C 104 -4.61 6.43 -21.75
CA THR C 104 -4.09 7.27 -20.69
C THR C 104 -5.18 8.16 -20.12
N ASN C 105 -4.87 8.72 -18.98
CA ASN C 105 -5.80 9.63 -18.27
C ASN C 105 -6.04 10.92 -19.06
N LYS C 106 -5.13 11.23 -20.00
CA LYS C 106 -5.32 12.41 -20.83
C LYS C 106 -6.09 12.09 -22.11
N GLY C 107 -6.65 10.88 -22.23
CA GLY C 107 -7.50 10.49 -23.33
C GLY C 107 -6.74 10.15 -24.60
N ARG C 108 -5.46 9.79 -24.49
CA ARG C 108 -4.69 9.30 -25.63
C ARG C 108 -4.73 7.78 -25.69
N THR C 109 -4.79 7.22 -26.89
CA THR C 109 -4.77 5.78 -27.10
C THR C 109 -3.51 5.40 -27.89
N PHE C 110 -2.81 4.34 -27.47
CA PHE C 110 -1.62 3.87 -28.15
C PHE C 110 -1.91 2.47 -28.54
N GLY C 111 -1.94 2.22 -29.86
CA GLY C 111 -2.33 0.97 -30.42
C GLY C 111 -3.73 0.88 -30.95
N PRO C 112 -4.20 -0.31 -31.31
CA PRO C 112 -3.61 -1.63 -31.05
C PRO C 112 -2.37 -1.92 -31.89
N TYR C 113 -1.41 -2.59 -31.32
CA TYR C 113 -0.22 -3.06 -31.98
C TYR C 113 -0.40 -4.56 -32.12
N GLY C 114 0.02 -5.15 -33.25
CA GLY C 114 -0.07 -6.57 -33.46
C GLY C 114 -1.40 -6.89 -34.17
N GLU C 115 -1.90 -8.10 -33.99
CA GLU C 115 -3.17 -8.56 -34.58
C GLU C 115 -4.16 -8.90 -33.50
N GLU C 116 -5.37 -8.33 -33.59
CA GLU C 116 -6.45 -8.65 -32.65
C GLU C 116 -7.15 -9.98 -32.90
N ASP C 117 -6.42 -11.04 -32.64
CA ASP C 117 -6.88 -12.38 -32.85
C ASP C 117 -6.86 -13.10 -31.53
N GLY C 118 -7.96 -13.81 -31.24
CA GLY C 118 -8.04 -14.73 -30.11
C GLY C 118 -8.83 -14.14 -28.96
N THR C 119 -8.32 -14.29 -27.73
CA THR C 119 -9.01 -13.93 -26.48
C THR C 119 -8.59 -12.54 -26.00
N TYR C 120 -9.57 -11.62 -26.03
CA TYR C 120 -9.38 -10.28 -25.47
C TYR C 120 -9.11 -10.34 -23.96
N PHE C 121 -8.21 -9.45 -23.47
CA PHE C 121 -8.05 -9.16 -22.04
C PHE C 121 -8.03 -7.69 -21.87
N ASN C 122 -8.45 -7.25 -20.67
CA ASN C 122 -8.64 -5.83 -20.48
C ASN C 122 -8.51 -5.54 -18.99
N LEU C 123 -7.63 -4.61 -18.64
CA LEU C 123 -7.39 -4.13 -17.27
C LEU C 123 -7.65 -2.61 -17.20
N PRO C 124 -8.91 -2.24 -16.92
CA PRO C 124 -9.20 -0.87 -16.63
C PRO C 124 -8.77 -0.53 -15.23
N ILE C 125 -8.13 0.64 -15.06
CA ILE C 125 -7.67 1.10 -13.74
C ILE C 125 -8.50 2.33 -13.35
N GLU C 126 -9.32 2.18 -12.33
CA GLU C 126 -10.09 3.29 -11.82
C GLU C 126 -9.29 4.12 -10.81
N ASN C 127 -8.45 3.47 -9.98
CA ASN C 127 -7.60 4.14 -9.03
C ASN C 127 -6.34 3.33 -8.88
N GLY C 128 -5.20 3.99 -8.98
CA GLY C 128 -3.94 3.36 -8.78
C GLY C 128 -3.08 3.54 -10.02
N LEU C 129 -1.84 3.09 -9.92
CA LEU C 129 -0.83 3.33 -11.02
C LEU C 129 -0.12 2.05 -11.37
N VAL C 130 0.17 1.87 -12.66
CA VAL C 130 1.08 0.80 -13.07
C VAL C 130 2.49 1.30 -12.66
N VAL C 131 3.23 0.45 -11.91
CA VAL C 131 4.54 0.75 -11.43
C VAL C 131 5.62 -0.21 -11.93
N GLY C 132 5.20 -1.18 -12.72
CA GLY C 132 6.15 -2.21 -13.12
C GLY C 132 5.50 -3.22 -14.04
N PHE C 133 6.32 -3.85 -14.91
CA PHE C 133 5.84 -4.92 -15.81
C PHE C 133 6.58 -6.22 -15.51
N LYS C 134 5.91 -7.33 -15.78
CA LYS C 134 6.54 -8.65 -15.73
C LYS C 134 5.97 -9.42 -16.88
N GLY C 135 6.62 -10.48 -17.33
CA GLY C 135 6.11 -11.19 -18.44
C GLY C 135 6.89 -12.45 -18.72
N ARG C 136 6.74 -12.93 -19.93
CA ARG C 136 7.46 -14.13 -20.41
C ARG C 136 7.84 -13.91 -21.88
N THR C 137 9.09 -14.14 -22.22
CA THR C 137 9.62 -13.93 -23.56
C THR C 137 10.47 -15.14 -23.99
N GLY C 138 10.22 -15.63 -25.18
CA GLY C 138 11.03 -16.63 -25.85
C GLY C 138 11.52 -16.00 -27.14
N ASP C 139 11.00 -16.46 -28.29
CA ASP C 139 11.24 -15.72 -29.53
C ASP C 139 10.43 -14.44 -29.54
N LEU C 140 9.32 -14.43 -28.84
CA LEU C 140 8.44 -13.28 -28.79
C LEU C 140 7.74 -13.19 -27.41
N LEU C 141 6.79 -12.27 -27.26
CA LEU C 141 6.16 -12.07 -25.94
C LEU C 141 5.10 -13.12 -25.69
N ASP C 142 5.42 -14.10 -24.86
CA ASP C 142 4.42 -15.15 -24.45
C ASP C 142 3.36 -14.69 -23.47
N ALA C 143 3.69 -13.73 -22.57
CA ALA C 143 2.77 -13.31 -21.57
C ALA C 143 3.19 -11.96 -20.99
N ILE C 144 2.23 -11.28 -20.38
CA ILE C 144 2.46 -9.96 -19.83
C ILE C 144 1.63 -9.79 -18.58
N GLY C 145 2.17 -9.03 -17.59
CA GLY C 145 1.42 -8.74 -16.35
C GLY C 145 1.89 -7.42 -15.74
N VAL C 146 1.17 -6.90 -14.73
CA VAL C 146 1.46 -5.55 -14.21
C VAL C 146 1.57 -5.54 -12.68
N HIS C 147 2.55 -4.81 -12.18
CA HIS C 147 2.62 -4.39 -10.77
C HIS C 147 1.90 -3.06 -10.60
N MET C 148 1.12 -2.96 -9.51
CA MET C 148 0.38 -1.71 -9.27
C MET C 148 0.64 -1.18 -7.89
N ALA C 149 0.55 0.14 -7.80
CA ALA C 149 0.65 0.84 -6.52
C ALA C 149 -0.26 2.07 -6.47
N LEU C 150 -0.44 2.61 -5.28
CA LEU C 150 -1.06 3.92 -5.13
C LEU C 150 -0.03 5.08 -5.30
N MET D 1 -9.47 12.48 0.26
CA MET D 1 -8.70 12.77 1.50
C MET D 1 -8.56 11.58 2.47
N ALA D 2 -9.51 10.65 2.44
CA ALA D 2 -9.48 9.38 3.23
C ALA D 2 -8.65 8.23 2.57
N SER D 3 -8.50 7.08 3.27
CA SER D 3 -7.66 6.01 2.83
C SER D 3 -8.20 5.37 1.54
N GLN D 4 -7.32 4.76 0.76
CA GLN D 4 -7.67 4.33 -0.58
C GLN D 4 -6.94 2.97 -0.96
N THR D 5 -7.62 2.26 -1.83
CA THR D 5 -7.14 0.99 -2.40
C THR D 5 -7.08 1.11 -3.92
N ILE D 6 -6.23 0.28 -4.50
CA ILE D 6 -6.20 0.05 -5.96
C ILE D 6 -7.57 -0.46 -6.39
N THR D 7 -8.12 0.12 -7.47
CA THR D 7 -9.43 -0.27 -7.97
C THR D 7 -9.31 -0.55 -9.46
N VAL D 8 -9.65 -1.76 -9.83
CA VAL D 8 -9.64 -2.21 -11.23
C VAL D 8 -11.02 -2.61 -11.70
N GLY D 9 -11.20 -2.59 -13.03
CA GLY D 9 -12.56 -2.59 -13.61
C GLY D 9 -13.16 -1.21 -13.60
N PRO D 10 -14.48 -1.08 -13.69
CA PRO D 10 -15.39 -2.21 -13.89
C PRO D 10 -15.37 -2.87 -15.25
N TRP D 11 -15.91 -4.08 -15.26
CA TRP D 11 -16.20 -4.86 -16.48
C TRP D 11 -17.72 -4.89 -16.63
N GLY D 12 -18.23 -4.48 -17.80
CA GLY D 12 -19.67 -4.39 -18.02
C GLY D 12 -20.00 -3.11 -18.65
N GLY D 13 -21.27 -2.67 -18.56
CA GLY D 13 -21.77 -1.51 -19.27
C GLY D 13 -22.06 -0.35 -18.37
N PRO D 14 -22.46 0.82 -18.93
CA PRO D 14 -22.76 2.06 -18.19
C PRO D 14 -24.15 2.21 -17.62
N GLY D 15 -25.03 1.24 -17.80
CA GLY D 15 -26.43 1.35 -17.32
C GLY D 15 -26.50 1.02 -15.85
N GLY D 16 -27.70 1.15 -15.29
CA GLY D 16 -27.97 0.86 -13.89
C GLY D 16 -27.43 1.93 -12.96
N ASN D 17 -27.57 1.74 -11.65
CA ASN D 17 -27.13 2.71 -10.67
C ASN D 17 -25.80 2.28 -10.04
N GLU D 18 -24.86 3.24 -9.96
CA GLU D 18 -23.50 3.03 -9.37
C GLU D 18 -23.63 2.61 -7.93
N TRP D 19 -22.89 1.59 -7.49
CA TRP D 19 -22.71 1.31 -6.06
C TRP D 19 -21.24 0.96 -5.82
N ASP D 20 -20.83 1.14 -4.58
CA ASP D 20 -19.45 0.88 -4.19
C ASP D 20 -19.52 0.42 -2.73
N ASP D 21 -19.19 -0.84 -2.46
CA ASP D 21 -19.19 -1.37 -1.05
C ASP D 21 -18.03 -0.74 -0.23
N GLY D 22 -17.01 -0.24 -0.92
CA GLY D 22 -15.76 0.12 -0.28
C GLY D 22 -14.83 -1.03 -0.02
N SER D 23 -13.84 -0.79 0.84
N SER D 23 -13.88 -0.80 0.89
CA SER D 23 -12.83 -1.80 1.15
CA SER D 23 -12.80 -1.74 1.18
C SER D 23 -12.78 -2.23 2.60
C SER D 23 -12.78 -2.22 2.62
N TYR D 24 -12.29 -3.45 2.80
CA TYR D 24 -12.28 -4.16 4.07
C TYR D 24 -11.00 -4.93 4.22
N THR D 25 -10.98 -6.00 5.00
CA THR D 25 -9.74 -6.77 5.11
C THR D 25 -9.76 -8.15 4.45
N GLY D 26 -10.91 -8.53 3.88
CA GLY D 26 -10.99 -9.79 3.12
C GLY D 26 -12.44 -10.11 2.84
N ILE D 27 -12.62 -11.29 2.30
CA ILE D 27 -13.95 -11.75 1.81
C ILE D 27 -14.31 -13.06 2.54
N ARG D 28 -15.51 -13.09 3.12
CA ARG D 28 -15.99 -14.38 3.68
C ARG D 28 -17.00 -15.06 2.75
N ILE D 29 -18.00 -14.36 2.32
CA ILE D 29 -19.08 -14.95 1.52
C ILE D 29 -19.51 -14.02 0.42
N ILE D 30 -19.78 -14.62 -0.75
CA ILE D 30 -20.37 -13.90 -1.89
C ILE D 30 -21.70 -14.63 -2.21
N GLU D 31 -22.77 -13.88 -2.33
CA GLU D 31 -24.04 -14.47 -2.73
CA GLU D 31 -24.11 -14.34 -2.65
C GLU D 31 -24.53 -13.72 -3.97
N LEU D 32 -24.94 -14.51 -4.98
CA LEU D 32 -25.39 -13.91 -6.18
C LEU D 32 -26.58 -14.71 -6.73
N SER D 33 -27.33 -14.08 -7.65
CA SER D 33 -28.35 -14.79 -8.41
C SER D 33 -28.04 -14.83 -9.89
N TYR D 34 -28.44 -15.96 -10.52
CA TYR D 34 -28.14 -16.11 -11.96
C TYR D 34 -29.19 -16.88 -12.76
N LYS D 35 -29.24 -16.57 -14.06
CA LYS D 35 -29.92 -17.46 -15.03
C LYS D 35 -29.26 -17.26 -16.39
N GLU D 36 -29.79 -16.39 -17.25
CA GLU D 36 -29.15 -16.05 -18.54
C GLU D 36 -28.12 -14.87 -18.37
N ALA D 37 -28.16 -14.24 -17.20
CA ALA D 37 -27.31 -13.13 -16.81
C ALA D 37 -27.19 -13.17 -15.25
N ILE D 38 -26.35 -12.30 -14.65
CA ILE D 38 -26.24 -12.19 -13.22
C ILE D 38 -27.22 -11.18 -12.73
N GLY D 39 -28.01 -11.55 -11.71
CA GLY D 39 -29.02 -10.61 -11.18
C GLY D 39 -28.51 -9.94 -9.90
N SER D 40 -28.64 -10.64 -8.76
CA SER D 40 -28.22 -10.09 -7.46
C SER D 40 -26.73 -10.28 -7.20
N PHE D 41 -26.18 -9.44 -6.32
CA PHE D 41 -24.78 -9.57 -5.90
C PHE D 41 -24.65 -8.88 -4.54
N SER D 42 -24.19 -9.65 -3.55
CA SER D 42 -23.85 -9.03 -2.26
C SER D 42 -22.81 -9.87 -1.58
N VAL D 43 -22.14 -9.29 -0.60
CA VAL D 43 -20.97 -9.86 0.02
C VAL D 43 -21.03 -9.72 1.53
N ILE D 44 -20.55 -10.75 2.23
CA ILE D 44 -20.15 -10.63 3.63
C ILE D 44 -18.64 -10.49 3.62
N TYR D 45 -18.16 -9.32 4.01
CA TYR D 45 -16.70 -9.03 4.13
C TYR D 45 -16.15 -9.47 5.45
N ASP D 46 -14.84 -9.70 5.51
CA ASP D 46 -14.11 -9.65 6.77
C ASP D 46 -13.70 -8.25 7.04
N LEU D 47 -13.88 -7.83 8.29
CA LEU D 47 -13.36 -6.56 8.77
C LEU D 47 -12.64 -6.80 10.09
N ASN D 48 -11.32 -6.85 10.03
CA ASN D 48 -10.52 -7.06 11.22
C ASN D 48 -10.94 -8.28 12.03
N GLY D 49 -11.22 -9.39 11.33
CA GLY D 49 -11.46 -10.65 11.96
C GLY D 49 -12.89 -10.94 12.27
N GLU D 50 -13.78 -10.04 11.98
CA GLU D 50 -15.21 -10.28 12.19
C GLU D 50 -15.99 -10.05 10.91
N PRO D 51 -17.20 -10.71 10.79
CA PRO D 51 -17.96 -10.48 9.58
C PRO D 51 -18.56 -9.12 9.52
N PHE D 52 -18.64 -8.51 8.34
CA PHE D 52 -19.29 -7.23 8.07
C PHE D 52 -20.21 -7.41 6.87
N SER D 53 -21.50 -7.09 7.06
CA SER D 53 -22.43 -7.15 5.94
C SER D 53 -22.31 -6.04 4.93
N GLY D 54 -21.93 -6.37 3.68
CA GLY D 54 -22.14 -5.43 2.61
C GLY D 54 -23.61 -5.11 2.34
N SER D 55 -23.82 -3.97 1.72
CA SER D 55 -25.12 -3.60 1.17
C SER D 55 -25.54 -4.58 0.12
N LYS D 56 -26.83 -4.94 0.13
CA LYS D 56 -27.36 -5.88 -0.85
C LYS D 56 -27.68 -5.13 -2.18
N HIS D 57 -27.33 -5.77 -3.27
CA HIS D 57 -27.52 -5.23 -4.66
C HIS D 57 -28.39 -6.26 -5.39
N THR D 58 -29.64 -6.34 -4.93
CA THR D 58 -30.46 -7.47 -5.33
C THR D 58 -31.29 -7.11 -6.57
N SER D 59 -31.54 -8.16 -7.33
CA SER D 59 -32.43 -8.13 -8.49
C SER D 59 -33.75 -8.82 -8.09
N LYS D 60 -34.85 -8.26 -8.60
CA LYS D 60 -36.21 -8.87 -8.46
C LYS D 60 -36.47 -10.05 -9.38
N LEU D 61 -35.61 -10.28 -10.37
CA LEU D 61 -35.86 -11.30 -11.36
C LEU D 61 -35.80 -12.68 -10.74
N PRO D 62 -36.55 -13.66 -11.28
CA PRO D 62 -36.64 -15.03 -10.75
C PRO D 62 -35.43 -15.89 -11.07
N TYR D 63 -34.26 -15.52 -10.52
CA TYR D 63 -33.02 -16.26 -10.79
C TYR D 63 -32.66 -17.25 -9.68
N THR D 64 -31.72 -18.14 -9.93
CA THR D 64 -31.23 -19.08 -8.93
C THR D 64 -30.22 -18.38 -7.97
N ASN D 65 -30.43 -18.46 -6.64
CA ASN D 65 -29.41 -17.93 -5.68
C ASN D 65 -28.33 -18.91 -5.40
N VAL D 66 -27.09 -18.44 -5.25
CA VAL D 66 -26.01 -19.34 -4.85
C VAL D 66 -25.13 -18.62 -3.82
N LYS D 67 -24.56 -19.37 -2.87
CA LYS D 67 -23.70 -18.79 -1.82
C LYS D 67 -22.33 -19.37 -1.97
N ILE D 68 -21.32 -18.50 -2.07
CA ILE D 68 -19.94 -18.93 -2.14
C ILE D 68 -19.35 -18.65 -0.77
N GLU D 69 -19.01 -19.69 -0.02
CA GLU D 69 -18.48 -19.50 1.33
C GLU D 69 -17.06 -19.91 1.34
N LEU D 70 -16.16 -18.96 1.48
CA LEU D 70 -14.75 -19.25 1.47
C LEU D 70 -14.29 -19.62 2.89
N GLN D 71 -13.21 -20.37 2.96
CA GLN D 71 -12.59 -20.78 4.23
C GLN D 71 -11.64 -19.72 4.69
N PHE D 72 -12.20 -18.54 4.92
CA PHE D 72 -11.42 -17.38 5.32
C PHE D 72 -10.79 -17.68 6.69
N PRO D 73 -9.59 -17.26 6.97
CA PRO D 73 -8.72 -16.45 6.14
C PRO D 73 -7.78 -17.23 5.27
N GLU D 74 -7.66 -18.54 5.48
CA GLU D 74 -6.62 -19.35 4.79
C GLU D 74 -6.93 -19.49 3.30
N GLU D 75 -8.22 -19.45 2.94
CA GLU D 75 -8.67 -19.51 1.54
C GLU D 75 -9.14 -18.11 1.06
N PHE D 76 -8.67 -17.71 -0.12
CA PHE D 76 -9.03 -16.38 -0.68
C PHE D 76 -9.01 -16.42 -2.22
N LEU D 77 -9.67 -15.42 -2.84
CA LEU D 77 -9.77 -15.38 -4.32
C LEU D 77 -8.37 -15.21 -4.96
N VAL D 78 -8.06 -15.97 -6.00
CA VAL D 78 -6.90 -15.70 -6.88
C VAL D 78 -7.33 -15.39 -8.31
N SER D 79 -8.63 -15.47 -8.63
CA SER D 79 -9.14 -15.07 -9.95
C SER D 79 -10.57 -14.68 -9.90
N VAL D 80 -10.92 -13.61 -10.59
CA VAL D 80 -12.34 -13.25 -10.86
C VAL D 80 -12.44 -13.18 -12.42
N SER D 81 -13.40 -13.89 -13.02
CA SER D 81 -13.57 -13.87 -14.48
C SER D 81 -15.07 -13.94 -14.79
N GLY D 82 -15.42 -13.68 -16.04
CA GLY D 82 -16.82 -13.76 -16.46
C GLY D 82 -16.97 -13.28 -17.85
N TYR D 83 -18.24 -13.02 -18.21
CA TYR D 83 -18.60 -12.53 -19.53
C TYR D 83 -19.53 -11.38 -19.44
N THR D 84 -19.35 -10.42 -20.35
CA THR D 84 -20.23 -9.26 -20.43
C THR D 84 -20.78 -9.14 -21.90
N ALA D 85 -22.04 -8.73 -22.04
CA ALA D 85 -22.71 -8.66 -23.36
C ALA D 85 -24.04 -7.95 -23.25
N PRO D 86 -24.52 -7.37 -24.35
CA PRO D 86 -25.96 -7.02 -24.35
C PRO D 86 -26.83 -8.24 -24.00
N PHE D 87 -28.03 -7.97 -23.49
CA PHE D 87 -28.95 -9.04 -23.14
C PHE D 87 -30.28 -8.75 -23.81
N SER D 88 -30.78 -9.66 -24.65
CA SER D 88 -31.98 -9.35 -25.49
C SER D 88 -33.26 -9.20 -24.68
N SER D 89 -33.28 -9.64 -23.41
CA SER D 89 -34.45 -9.44 -22.54
C SER D 89 -34.56 -8.03 -22.02
N LEU D 90 -33.56 -7.18 -22.32
CA LEU D 90 -33.65 -5.82 -21.86
C LEU D 90 -34.07 -4.89 -22.95
N ALA D 91 -34.62 -3.74 -22.56
CA ALA D 91 -35.05 -2.65 -23.46
C ALA D 91 -33.93 -1.65 -23.78
N THR D 92 -32.69 -2.15 -23.76
CA THR D 92 -31.48 -1.40 -24.12
C THR D 92 -30.41 -2.40 -24.53
N ARG D 93 -29.49 -1.96 -25.36
CA ARG D 93 -28.39 -2.75 -25.87
C ARG D 93 -27.15 -2.62 -25.03
N THR D 94 -27.23 -1.89 -23.90
CA THR D 94 -26.10 -1.70 -22.97
CA THR D 94 -25.98 -1.74 -23.13
C THR D 94 -25.52 -3.07 -22.50
N PRO D 95 -24.20 -3.28 -22.50
CA PRO D 95 -23.72 -4.56 -21.98
C PRO D 95 -24.00 -4.72 -20.48
N VAL D 96 -24.20 -5.96 -20.05
CA VAL D 96 -24.41 -6.31 -18.64
C VAL D 96 -23.60 -7.53 -18.34
N VAL D 97 -23.49 -7.87 -17.04
CA VAL D 97 -22.73 -9.06 -16.63
C VAL D 97 -23.56 -10.33 -16.88
N ARG D 98 -23.11 -11.16 -17.82
CA ARG D 98 -23.82 -12.33 -18.23
C ARG D 98 -23.38 -13.52 -17.41
N SER D 99 -22.11 -13.56 -16.96
CA SER D 99 -21.63 -14.69 -16.22
C SER D 99 -20.48 -14.30 -15.27
N LEU D 100 -20.30 -15.03 -14.18
CA LEU D 100 -19.17 -14.83 -13.26
C LEU D 100 -18.60 -16.14 -12.84
N LYS D 101 -17.30 -16.15 -12.60
CA LYS D 101 -16.63 -17.33 -12.11
C LYS D 101 -15.50 -16.94 -11.14
N PHE D 102 -15.34 -17.69 -10.04
CA PHE D 102 -14.28 -17.42 -9.06
C PHE D 102 -13.38 -18.59 -8.81
N LYS D 103 -12.09 -18.32 -8.60
CA LYS D 103 -11.17 -19.35 -8.15
C LYS D 103 -10.37 -18.97 -6.92
N THR D 104 -9.96 -19.97 -6.12
CA THR D 104 -9.30 -19.73 -4.89
C THR D 104 -7.93 -20.33 -4.87
N ASN D 105 -7.12 -19.87 -3.93
CA ASN D 105 -5.77 -20.41 -3.72
C ASN D 105 -5.70 -21.87 -3.22
N LYS D 106 -6.82 -22.42 -2.77
CA LYS D 106 -6.92 -23.84 -2.41
C LYS D 106 -7.37 -24.73 -3.55
N GLY D 107 -7.54 -24.16 -4.74
CA GLY D 107 -7.87 -24.92 -5.94
C GLY D 107 -9.34 -25.16 -6.13
N ARG D 108 -10.21 -24.41 -5.45
CA ARG D 108 -11.61 -24.48 -5.70
C ARG D 108 -12.04 -23.46 -6.80
N THR D 109 -13.00 -23.87 -7.62
CA THR D 109 -13.69 -23.01 -8.57
C THR D 109 -15.15 -22.96 -8.23
N PHE D 110 -15.70 -21.76 -8.23
CA PHE D 110 -17.11 -21.54 -8.08
C PHE D 110 -17.62 -20.96 -9.36
N GLY D 111 -18.48 -21.70 -10.08
CA GLY D 111 -19.05 -21.23 -11.30
C GLY D 111 -18.56 -22.08 -12.46
N PRO D 112 -18.84 -21.67 -13.69
CA PRO D 112 -19.51 -20.42 -14.03
C PRO D 112 -20.96 -20.38 -13.67
N TYR D 113 -21.42 -19.19 -13.34
CA TYR D 113 -22.79 -18.94 -13.09
C TYR D 113 -23.25 -17.99 -14.16
N GLY D 114 -24.43 -18.29 -14.72
CA GLY D 114 -25.05 -17.45 -15.72
C GLY D 114 -24.76 -18.03 -17.11
N GLU D 115 -24.65 -17.19 -18.10
CA GLU D 115 -24.40 -17.67 -19.45
C GLU D 115 -23.16 -17.07 -20.03
N GLU D 116 -22.24 -17.93 -20.48
CA GLU D 116 -20.97 -17.46 -21.08
C GLU D 116 -21.15 -16.97 -22.49
N ASP D 117 -21.78 -15.82 -22.64
CA ASP D 117 -22.05 -15.21 -23.94
C ASP D 117 -21.42 -13.87 -23.96
N GLY D 118 -20.65 -13.56 -25.02
CA GLY D 118 -20.15 -12.25 -25.28
C GLY D 118 -18.64 -12.16 -25.05
N THR D 119 -18.22 -11.09 -24.38
CA THR D 119 -16.79 -10.81 -24.17
C THR D 119 -16.30 -11.33 -22.81
N TYR D 120 -15.36 -12.29 -22.81
CA TYR D 120 -14.72 -12.78 -21.64
C TYR D 120 -13.88 -11.65 -20.97
N PHE D 121 -13.85 -11.67 -19.62
CA PHE D 121 -12.91 -10.86 -18.83
C PHE D 121 -12.26 -11.71 -17.77
N ASN D 122 -11.04 -11.30 -17.36
CA ASN D 122 -10.34 -12.21 -16.46
C ASN D 122 -9.29 -11.41 -15.68
N LEU D 123 -9.33 -11.54 -14.35
CA LEU D 123 -8.36 -10.86 -13.42
C LEU D 123 -7.69 -11.92 -12.66
N PRO D 124 -6.55 -12.37 -13.15
CA PRO D 124 -5.71 -13.26 -12.36
C PRO D 124 -4.87 -12.44 -11.38
N ILE D 125 -4.82 -12.92 -10.12
CA ILE D 125 -4.11 -12.18 -9.08
C ILE D 125 -2.92 -12.98 -8.67
N GLU D 126 -1.72 -12.52 -9.00
CA GLU D 126 -0.53 -13.18 -8.55
C GLU D 126 -0.06 -12.83 -7.15
N ASN D 127 -0.29 -11.61 -6.75
CA ASN D 127 0.04 -11.09 -5.41
C ASN D 127 -0.99 -10.06 -5.01
N GLY D 128 -1.61 -10.22 -3.84
CA GLY D 128 -2.55 -9.29 -3.32
C GLY D 128 -3.90 -9.98 -3.07
N LEU D 129 -4.83 -9.18 -2.54
CA LEU D 129 -6.14 -9.64 -2.11
C LEU D 129 -7.25 -8.78 -2.57
N VAL D 130 -8.34 -9.41 -2.98
CA VAL D 130 -9.59 -8.66 -3.15
C VAL D 130 -10.12 -8.29 -1.77
N VAL D 131 -10.40 -6.99 -1.60
CA VAL D 131 -10.88 -6.46 -0.30
C VAL D 131 -12.20 -5.70 -0.41
N GLY D 132 -12.75 -5.67 -1.61
CA GLY D 132 -14.02 -4.97 -1.85
C GLY D 132 -14.52 -5.07 -3.24
N PHE D 133 -15.85 -4.88 -3.42
CA PHE D 133 -16.47 -4.83 -4.74
C PHE D 133 -17.14 -3.50 -4.96
N LYS D 134 -17.23 -3.11 -6.21
CA LYS D 134 -18.10 -2.02 -6.63
C LYS D 134 -18.80 -2.43 -7.94
N GLY D 135 -19.75 -1.65 -8.42
CA GLY D 135 -20.50 -2.11 -9.61
C GLY D 135 -21.63 -1.20 -9.95
N ARG D 136 -22.47 -1.67 -10.86
CA ARG D 136 -23.66 -0.95 -11.29
CA ARG D 136 -23.67 -0.95 -11.25
C ARG D 136 -24.79 -1.97 -11.33
N THR D 137 -25.93 -1.58 -10.75
CA THR D 137 -27.04 -2.51 -10.69
C THR D 137 -28.29 -1.73 -11.09
N GLY D 138 -29.03 -2.29 -12.02
CA GLY D 138 -30.33 -1.68 -12.42
C GLY D 138 -31.36 -2.72 -12.09
N ASP D 139 -32.00 -3.33 -13.12
CA ASP D 139 -32.78 -4.53 -12.85
C ASP D 139 -31.93 -5.71 -12.58
N LEU D 140 -30.67 -5.69 -13.07
CA LEU D 140 -29.73 -6.75 -12.81
C LEU D 140 -28.29 -6.16 -12.73
N LEU D 141 -27.26 -7.02 -12.74
CA LEU D 141 -25.84 -6.51 -12.61
C LEU D 141 -25.26 -6.00 -13.94
N ASP D 142 -25.26 -4.69 -14.16
CA ASP D 142 -24.69 -4.08 -15.34
C ASP D 142 -23.17 -4.19 -15.37
N ALA D 143 -22.53 -4.10 -14.20
CA ALA D 143 -21.01 -4.01 -14.18
C ALA D 143 -20.47 -4.34 -12.83
N ILE D 144 -19.20 -4.78 -12.78
CA ILE D 144 -18.55 -5.23 -11.55
C ILE D 144 -17.08 -4.86 -11.62
N GLY D 145 -16.54 -4.35 -10.49
CA GLY D 145 -15.12 -4.03 -10.32
C GLY D 145 -14.66 -4.35 -8.92
N VAL D 146 -13.35 -4.33 -8.70
CA VAL D 146 -12.78 -4.87 -7.48
C VAL D 146 -11.74 -3.91 -6.91
N HIS D 147 -11.74 -3.87 -5.57
CA HIS D 147 -10.73 -3.20 -4.77
C HIS D 147 -9.75 -4.23 -4.31
N MET D 148 -8.44 -3.85 -4.37
CA MET D 148 -7.35 -4.73 -3.98
C MET D 148 -6.41 -4.11 -2.98
N ALA D 149 -5.85 -4.97 -2.13
CA ALA D 149 -4.84 -4.58 -1.18
C ALA D 149 -3.82 -5.69 -0.98
N LEU D 150 -2.70 -5.32 -0.35
CA LEU D 150 -1.77 -6.34 0.19
C LEU D 150 -2.11 -6.87 1.61
C1 GOL E . 14.12 13.07 25.83
O1 GOL E . 15.28 12.22 25.89
C2 GOL E . 12.96 12.51 26.63
O2 GOL E . 13.10 11.13 26.81
C3 GOL E . 12.80 13.12 27.96
O3 GOL E . 11.40 13.33 27.86
C1 GOL F . 22.59 16.95 0.21
O1 GOL F . 23.39 15.91 0.64
C2 GOL F . 22.53 17.04 -1.33
O2 GOL F . 21.65 16.00 -1.90
C3 GOL F . 21.89 18.39 -1.64
O3 GOL F . 22.89 19.38 -1.33
C1 GOL G . 22.97 23.74 9.06
O1 GOL G . 21.89 23.82 10.00
C2 GOL G . 24.25 23.15 9.63
O2 GOL G . 25.48 23.39 8.89
C3 GOL G . 24.30 22.03 10.59
O3 GOL G . 24.28 20.93 9.65
C1 GOL H . -3.61 12.91 2.28
O1 GOL H . -4.90 12.27 2.24
C2 GOL H . -2.57 11.92 2.75
O2 GOL H . -2.77 10.69 2.05
C3 GOL H . -1.17 12.39 2.43
O3 GOL H . -0.62 12.63 3.68
C1 GOL I . -1.70 -2.50 34.50
O1 GOL I . -0.25 -2.37 34.16
C2 GOL I . -2.40 -1.36 35.11
O2 GOL I . -3.60 -1.68 35.62
C3 GOL I . -2.30 0.03 34.56
O3 GOL I . -3.11 -0.02 33.38
C1 GOL J . -3.64 9.01 -9.33
O1 GOL J . -2.20 9.20 -9.42
C2 GOL J . -4.06 7.56 -9.70
O2 GOL J . -3.42 6.67 -8.82
C3 GOL J . -5.50 7.40 -9.45
O3 GOL J . -6.17 7.17 -10.71
C1 GOL K . 18.94 3.00 -16.25
O1 GOL K . 18.73 4.30 -16.65
C2 GOL K . 20.21 2.76 -15.47
O2 GOL K . 20.12 3.50 -14.24
C3 GOL K . 20.33 1.25 -15.25
O3 GOL K . 19.33 0.61 -16.15
C1 GOL L . -3.15 -15.02 -38.51
O1 GOL L . -2.04 -14.28 -38.93
C2 GOL L . -2.86 -15.68 -37.16
O2 GOL L . -3.90 -15.32 -36.30
C3 GOL L . -2.56 -17.19 -37.20
O3 GOL L . -2.06 -17.77 -36.05
C1 GOL M . 9.68 -24.64 -29.04
O1 GOL M . 10.06 -25.87 -28.39
C2 GOL M . 8.24 -24.32 -28.66
O2 GOL M . 7.99 -24.56 -27.25
C3 GOL M . 7.85 -22.91 -29.09
O3 GOL M . 6.58 -23.16 -29.77
C1 GOL N . -4.15 4.52 -32.33
O1 GOL N . -5.40 5.16 -32.54
C2 GOL N . -3.02 5.46 -32.72
O2 GOL N . -3.44 6.80 -32.37
C3 GOL N . -1.73 5.14 -31.99
O3 GOL N . -1.26 3.76 -32.33
C1 GOL O . 8.20 -19.88 -26.90
O1 GOL O . 6.86 -20.11 -26.49
C2 GOL O . 8.30 -19.07 -28.12
O2 GOL O . 9.54 -18.89 -28.69
C3 GOL O . 7.43 -17.94 -28.43
O3 GOL O . 8.07 -16.92 -27.60
C1 GOL P . -14.66 -13.74 -26.71
O1 GOL P . -15.37 -13.74 -25.47
C2 GOL P . -13.35 -12.97 -26.51
O2 GOL P . -12.48 -13.75 -25.68
C3 GOL P . -12.68 -12.77 -27.84
O3 GOL P . -13.11 -11.48 -28.28
C1 GOL Q . -30.16 -3.63 -16.45
O1 GOL Q . -29.75 -3.71 -15.09
C2 GOL Q . -31.01 -2.40 -16.68
O2 GOL Q . -32.02 -2.36 -15.69
C3 GOL Q . -30.30 -1.11 -16.63
O3 GOL Q . -29.25 -1.19 -17.63
#